data_2UUP
#
_entry.id   2UUP
#
_cell.length_a   65.517
_cell.length_b   65.517
_cell.length_c   136.174
_cell.angle_alpha   90.00
_cell.angle_beta   90.00
_cell.angle_gamma   90.00
#
_symmetry.space_group_name_H-M   'P 41'
#
loop_
_entity.id
_entity.type
_entity.pdbx_description
1 polymer 'UDP-N-ACETYLMURAMOYLALANINE--D-GLUTAMATE LIGASE'
2 non-polymer 'N-({6-[(4-CYANOBENZYL)OXY]NAPHTHALEN-2-YL}SULFONYL)-D-GLUTAMIC ACID'
3 non-polymer 'SULFATE ION'
4 water water
#
_entity_poly.entity_id   1
_entity_poly.type   'polypeptide(L)'
_entity_poly.pdbx_seq_one_letter_code
;MADYQGKNVVIIGLGLTGLSCVDFFLARGVTPRVMDTRMTPPGLDKLPEAVERHTGSLNDEWLMAADLIVASPGIALAHP
SLSAAADAGIEIVGDIELFCREAQAPIVAITGSNGKSTVTTLVGEMAKAAGVNVGVGGNIGLPALMLLDDECELYVLELS
SFQLETTSSLQAVAATILNVTEDHMDRYPFGLQQYRAA(KCX)LRIYENAKVCVVNADDALTMPIRGADERCVSFGVNMG
DYHLNHQQGETWLRVKGEKVLNVKEMKLSGQHNYTNALAALALADAAGLPRASSLKALTTFTGLPHRFEVVLEHNGVRWI
NDSKATNVGSTEAALNGLHVDGTLHLLLGGDGKSADFSPLARYLNGDNVRLYCFGRDGAQLAALRPEVAEQTETMEQAMR
LLAPRVQPGDMVLLSPACASLDQFKNFEQRGNEFARLAKELGSHHHHHH
;
_entity_poly.pdbx_strand_id   A
#
# COMPACT_ATOMS: atom_id res chain seq x y z
N ALA A 2 -8.64 0.59 27.26
CA ALA A 2 -7.25 0.39 27.75
C ALA A 2 -6.81 1.59 28.58
N ASP A 3 -5.96 1.34 29.58
CA ASP A 3 -5.45 2.38 30.46
C ASP A 3 -3.94 2.15 30.62
N TYR A 4 -3.14 3.12 30.19
CA TYR A 4 -1.65 2.99 30.15
C TYR A 4 -0.93 3.70 31.31
N GLN A 5 -1.71 4.31 32.21
CA GLN A 5 -1.13 5.07 33.28
C GLN A 5 -0.19 4.22 34.13
N GLY A 6 1.00 4.76 34.35
CA GLY A 6 2.01 4.14 35.18
C GLY A 6 2.79 2.98 34.57
N LYS A 7 2.47 2.64 33.32
CA LYS A 7 3.20 1.57 32.62
C LYS A 7 4.52 2.10 32.08
N ASN A 8 5.51 1.20 32.00
CA ASN A 8 6.78 1.43 31.33
C ASN A 8 6.55 1.06 29.88
N VAL A 9 6.55 2.06 29.00
CA VAL A 9 6.18 1.86 27.58
C VAL A 9 7.42 2.10 26.74
N VAL A 10 7.72 1.18 25.82
CA VAL A 10 8.85 1.34 24.93
C VAL A 10 8.36 1.29 23.50
N ILE A 11 8.69 2.33 22.76
CA ILE A 11 8.33 2.45 21.33
C ILE A 11 9.58 2.12 20.54
N ILE A 12 9.46 1.18 19.60
CA ILE A 12 10.57 0.76 18.75
C ILE A 12 10.32 1.30 17.34
N GLY A 13 11.22 2.17 16.90
CA GLY A 13 11.12 2.75 15.56
C GLY A 13 10.49 4.11 15.66
N LEU A 14 11.19 5.11 15.16
CA LEU A 14 10.61 6.42 15.17
C LEU A 14 9.87 6.61 13.84
N GLY A 15 10.29 7.58 13.07
CA GLY A 15 9.58 7.99 11.86
C GLY A 15 8.27 8.63 12.27
N LEU A 16 7.41 8.94 11.30
CA LEU A 16 6.17 9.61 11.64
C LEU A 16 5.24 8.72 12.47
N THR A 17 5.22 7.43 12.20
CA THR A 17 4.42 6.48 13.01
C THR A 17 4.87 6.52 14.47
N GLY A 18 6.18 6.41 14.69
CA GLY A 18 6.78 6.42 16.04
C GLY A 18 6.49 7.73 16.75
N LEU A 19 6.64 8.84 16.03
CA LEU A 19 6.29 10.15 16.58
C LEU A 19 4.83 10.23 17.02
N SER A 20 3.92 9.71 16.20
CA SER A 20 2.51 9.74 16.57
C SER A 20 2.24 8.92 17.84
N CYS A 21 2.97 7.82 18.00
CA CYS A 21 2.88 7.01 19.22
C CYS A 21 3.35 7.76 20.46
N VAL A 22 4.46 8.46 20.30
CA VAL A 22 5.01 9.32 21.35
C VAL A 22 3.97 10.34 21.83
N ASP A 23 3.37 11.04 20.87
CA ASP A 23 2.34 12.04 21.19
C ASP A 23 1.13 11.40 21.87
N PHE A 24 0.71 10.22 21.39
CA PHE A 24 -0.40 9.48 21.96
C PHE A 24 -0.24 9.25 23.49
N PHE A 25 0.92 8.72 23.90
CA PHE A 25 1.15 8.42 25.32
C PHE A 25 1.28 9.67 26.19
N LEU A 26 2.06 10.64 25.73
CA LEU A 26 2.23 11.89 26.50
C LEU A 26 0.86 12.54 26.82
N ALA A 27 -0.01 12.63 25.81
CA ALA A 27 -1.36 13.18 25.97
C ALA A 27 -2.19 12.40 26.98
N ARG A 28 -1.77 11.18 27.29
CA ARG A 28 -2.48 10.32 28.21
C ARG A 28 -1.75 10.24 29.56
N GLY A 29 -0.76 11.10 29.74
CA GLY A 29 -0.02 11.19 31.00
C GLY A 29 1.06 10.12 31.16
N VAL A 30 1.57 9.62 30.03
CA VAL A 30 2.58 8.54 30.01
C VAL A 30 3.79 8.96 29.17
N THR A 31 4.96 8.95 29.80
CA THR A 31 6.21 9.28 29.11
C THR A 31 6.86 7.97 28.64
N PRO A 32 6.84 7.70 27.32
CA PRO A 32 7.42 6.44 26.81
C PRO A 32 8.91 6.66 26.59
N ARG A 33 9.65 5.56 26.39
CA ARG A 33 11.02 5.61 25.91
C ARG A 33 11.00 5.16 24.47
N VAL A 34 11.95 5.64 23.68
CA VAL A 34 12.01 5.33 22.25
C VAL A 34 13.34 4.68 21.92
N MET A 35 13.35 3.60 21.13
CA MET A 35 14.61 3.08 20.59
C MET A 35 14.46 2.86 19.10
N ASP A 36 15.59 2.84 18.40
CA ASP A 36 15.63 2.59 16.95
C ASP A 36 17.00 2.02 16.60
N THR A 37 17.04 1.03 15.70
CA THR A 37 18.30 0.42 15.28
C THR A 37 19.11 1.40 14.41
N ARG A 38 18.44 2.41 13.86
CA ARG A 38 19.12 3.45 13.07
C ARG A 38 19.73 4.53 13.99
N MET A 39 20.95 5.00 13.66
CA MET A 39 21.63 5.99 14.50
C MET A 39 20.89 7.32 14.63
N THR A 40 20.45 7.85 13.50
CA THR A 40 19.66 9.08 13.49
C THR A 40 18.40 8.77 12.69
N PRO A 41 17.39 8.19 13.34
CA PRO A 41 16.18 7.83 12.60
C PRO A 41 15.39 9.09 12.21
N PRO A 42 14.52 8.98 11.19
CA PRO A 42 13.62 10.06 10.81
C PRO A 42 12.81 10.51 12.03
N GLY A 43 12.70 11.82 12.20
CA GLY A 43 11.91 12.41 13.27
C GLY A 43 12.62 12.62 14.60
N LEU A 44 13.89 12.22 14.68
CA LEU A 44 14.63 12.31 15.94
C LEU A 44 14.61 13.74 16.46
N ASP A 45 14.85 14.68 15.55
CA ASP A 45 14.89 16.09 15.89
C ASP A 45 13.52 16.63 16.31
N LYS A 46 12.46 15.84 16.07
CA LYS A 46 11.10 16.22 16.43
C LYS A 46 10.70 15.60 17.76
N LEU A 47 11.55 14.73 18.27
CA LEU A 47 11.25 14.03 19.52
C LEU A 47 11.32 15.03 20.67
N PRO A 48 10.28 15.06 21.52
CA PRO A 48 10.36 15.90 22.71
C PRO A 48 11.56 15.57 23.60
N GLU A 49 12.14 16.63 24.14
CA GLU A 49 13.35 16.62 24.96
C GLU A 49 13.25 15.75 26.22
N ALA A 50 12.07 15.68 26.82
CA ALA A 50 11.87 14.86 28.02
C ALA A 50 11.77 13.34 27.72
N VAL A 51 11.77 12.99 26.44
CA VAL A 51 11.65 11.57 26.05
C VAL A 51 13.03 10.93 25.97
N GLU A 52 13.26 9.89 26.76
CA GLU A 52 14.55 9.21 26.71
C GLU A 52 14.60 8.43 25.41
N ARG A 53 15.74 8.43 24.75
CA ARG A 53 15.91 7.66 23.52
C ARG A 53 17.25 6.93 23.45
N HIS A 54 17.23 5.82 22.70
CA HIS A 54 18.40 4.96 22.46
C HIS A 54 18.42 4.57 20.99
N THR A 55 19.47 4.95 20.29
CA THR A 55 19.48 4.74 18.85
C THR A 55 20.74 4.00 18.44
N GLY A 56 20.74 3.45 17.23
CA GLY A 56 21.89 2.67 16.74
C GLY A 56 21.89 1.18 16.99
N SER A 57 20.94 0.70 17.80
CA SER A 57 20.78 -0.69 18.20
C SER A 57 19.51 -0.75 19.06
N LEU A 58 18.99 -1.95 19.30
CA LEU A 58 17.97 -2.11 20.32
C LEU A 58 18.63 -2.20 21.70
N ASN A 59 17.92 -1.77 22.73
CA ASN A 59 18.44 -1.84 24.10
C ASN A 59 17.64 -2.92 24.83
N ASP A 60 18.28 -4.07 25.09
CA ASP A 60 17.57 -5.20 25.71
C ASP A 60 17.20 -4.92 27.17
N GLU A 61 17.94 -4.05 27.85
CA GLU A 61 17.61 -3.65 29.21
C GLU A 61 16.27 -2.93 29.19
N TRP A 62 16.10 -2.03 28.24
CA TRP A 62 14.80 -1.32 28.11
C TRP A 62 13.69 -2.25 27.69
N LEU A 63 13.96 -3.14 26.73
CA LEU A 63 12.92 -4.06 26.25
C LEU A 63 12.42 -4.99 27.32
N MET A 64 13.34 -5.60 28.08
CA MET A 64 12.97 -6.58 29.09
C MET A 64 12.33 -5.96 30.34
N ALA A 65 12.48 -4.64 30.46
CA ALA A 65 11.90 -3.85 31.56
C ALA A 65 10.50 -3.37 31.22
N ALA A 66 10.12 -3.48 29.94
CA ALA A 66 8.89 -2.88 29.48
C ALA A 66 7.65 -3.60 29.98
N ASP A 67 6.60 -2.79 30.21
CA ASP A 67 5.26 -3.30 30.44
C ASP A 67 4.53 -3.41 29.08
N LEU A 68 4.91 -2.55 28.13
CA LEU A 68 4.30 -2.56 26.80
C LEU A 68 5.33 -2.14 25.79
N ILE A 69 5.43 -2.90 24.72
CA ILE A 69 6.32 -2.57 23.61
C ILE A 69 5.43 -2.18 22.44
N VAL A 70 5.71 -1.04 21.83
CA VAL A 70 4.96 -0.55 20.67
C VAL A 70 5.90 -0.59 19.47
N ALA A 71 5.74 -1.62 18.65
CA ALA A 71 6.66 -1.90 17.55
C ALA A 71 6.21 -1.26 16.23
N SER A 72 7.07 -0.44 15.65
CA SER A 72 6.87 0.03 14.28
C SER A 72 6.62 -1.17 13.34
N PRO A 73 5.75 -1.00 12.32
CA PRO A 73 5.61 -2.06 11.32
C PRO A 73 6.94 -2.36 10.58
N GLY A 74 7.90 -1.43 10.59
CA GLY A 74 9.15 -1.67 9.88
C GLY A 74 10.19 -2.53 10.62
N ILE A 75 9.86 -2.99 11.85
CA ILE A 75 10.71 -3.99 12.55
C ILE A 75 9.98 -5.31 12.65
N ALA A 76 10.65 -6.40 12.29
CA ALA A 76 10.05 -7.73 12.35
C ALA A 76 9.79 -8.16 13.78
N LEU A 77 8.61 -8.70 14.03
CA LEU A 77 8.37 -9.40 15.29
C LEU A 77 9.36 -10.55 15.52
N ALA A 78 9.87 -11.12 14.41
CA ALA A 78 10.90 -12.14 14.47
C ALA A 78 12.33 -11.64 14.84
N HIS A 79 12.52 -10.32 15.02
CA HIS A 79 13.82 -9.78 15.46
C HIS A 79 14.12 -10.49 16.79
N PRO A 80 15.32 -11.14 16.92
CA PRO A 80 15.58 -11.88 18.17
C PRO A 80 15.27 -11.13 19.49
N SER A 81 15.50 -9.83 19.51
CA SER A 81 15.21 -9.02 20.68
C SER A 81 13.71 -8.99 20.99
N LEU A 82 12.92 -8.77 19.95
CA LEU A 82 11.46 -8.75 20.09
C LEU A 82 10.91 -10.14 20.39
N SER A 83 11.49 -11.14 19.75
CA SER A 83 11.12 -12.53 20.01
C SER A 83 11.33 -12.89 21.47
N ALA A 84 12.47 -12.48 22.02
CA ALA A 84 12.80 -12.74 23.42
C ALA A 84 11.78 -12.09 24.37
N ALA A 85 11.39 -10.84 24.05
CA ALA A 85 10.42 -10.10 24.85
C ALA A 85 9.08 -10.83 24.79
N ALA A 86 8.67 -11.30 23.61
CA ALA A 86 7.41 -12.06 23.51
C ALA A 86 7.50 -13.32 24.34
N ASP A 87 8.62 -14.03 24.26
CA ASP A 87 8.80 -15.28 25.04
C ASP A 87 8.61 -15.04 26.54
N ALA A 88 8.97 -13.84 26.98
CA ALA A 88 8.88 -13.41 28.37
C ALA A 88 7.48 -13.00 28.79
N GLY A 89 6.56 -12.99 27.82
CA GLY A 89 5.17 -12.57 28.07
C GLY A 89 4.97 -11.07 28.05
N ILE A 90 5.92 -10.33 27.48
CA ILE A 90 5.80 -8.89 27.44
C ILE A 90 4.90 -8.53 26.26
N GLU A 91 3.87 -7.73 26.55
CA GLU A 91 2.88 -7.36 25.54
C GLU A 91 3.48 -6.50 24.43
N ILE A 92 3.27 -6.95 23.18
CA ILE A 92 3.73 -6.18 21.99
C ILE A 92 2.51 -5.80 21.13
N VAL A 93 2.39 -4.52 20.82
CA VAL A 93 1.33 -3.98 19.94
C VAL A 93 1.95 -3.02 18.89
N GLY A 94 1.13 -2.49 17.97
CA GLY A 94 1.60 -1.40 17.08
C GLY A 94 0.63 -0.24 17.16
N ASP A 95 0.86 0.77 16.33
CA ASP A 95 0.04 1.99 16.36
C ASP A 95 -1.43 1.69 16.02
N ILE A 96 -1.67 0.80 15.07
CA ILE A 96 -3.06 0.43 14.68
C ILE A 96 -3.81 -0.22 15.86
N GLU A 97 -3.13 -1.08 16.61
CA GLU A 97 -3.74 -1.67 17.83
C GLU A 97 -4.17 -0.60 18.85
N LEU A 98 -3.25 0.33 19.14
CA LEU A 98 -3.55 1.45 20.03
C LEU A 98 -4.77 2.25 19.52
N PHE A 99 -4.83 2.46 18.21
CA PHE A 99 -5.92 3.18 17.58
C PHE A 99 -7.25 2.44 17.77
N CYS A 100 -7.29 1.15 17.45
CA CYS A 100 -8.51 0.35 17.52
C CYS A 100 -9.10 0.35 18.93
N ARG A 101 -8.23 0.38 19.95
CA ARG A 101 -8.68 0.37 21.34
C ARG A 101 -9.38 1.66 21.80
N GLU A 102 -9.21 2.71 21.00
CA GLU A 102 -9.72 4.03 21.32
C GLU A 102 -10.81 4.49 20.38
N ALA A 103 -10.78 4.03 19.12
CA ALA A 103 -11.71 4.51 18.10
C ALA A 103 -13.18 4.44 18.52
N GLN A 104 -13.91 5.52 18.27
CA GLN A 104 -15.35 5.59 18.59
C GLN A 104 -16.26 5.68 17.38
N ALA A 105 -15.72 5.32 16.22
CA ALA A 105 -16.53 5.22 15.01
C ALA A 105 -16.16 3.91 14.34
N PRO A 106 -17.04 3.41 13.45
CA PRO A 106 -16.79 2.24 12.65
C PRO A 106 -15.54 2.40 11.80
N ILE A 107 -14.85 1.28 11.57
CA ILE A 107 -13.64 1.26 10.76
C ILE A 107 -13.82 0.35 9.54
N VAL A 108 -13.57 0.92 8.37
CA VAL A 108 -13.45 0.14 7.15
C VAL A 108 -11.94 -0.10 7.03
N ALA A 109 -11.56 -1.36 6.84
CA ALA A 109 -10.13 -1.75 6.84
C ALA A 109 -9.76 -2.47 5.53
N ILE A 110 -8.71 -1.97 4.87
CA ILE A 110 -8.35 -2.46 3.55
C ILE A 110 -6.90 -2.91 3.50
N THR A 111 -6.67 -4.11 2.97
CA THR A 111 -5.31 -4.58 2.69
C THR A 111 -5.28 -5.40 1.40
N GLY A 112 -4.11 -5.97 1.11
CA GLY A 112 -3.86 -6.56 -0.19
C GLY A 112 -2.56 -6.07 -0.81
N SER A 113 -2.03 -6.85 -1.74
CA SER A 113 -0.72 -6.55 -2.34
C SER A 113 -0.75 -5.33 -3.26
N ASN A 114 -1.88 -5.11 -3.95
CA ASN A 114 -2.02 -3.99 -4.91
C ASN A 114 -3.45 -3.44 -4.76
N GLY A 115 -3.61 -2.13 -4.95
CA GLY A 115 -4.93 -1.50 -4.98
C GLY A 115 -5.37 -0.91 -3.66
N LYS A 116 -4.62 -1.17 -2.59
CA LYS A 116 -5.13 -0.80 -1.27
C LYS A 116 -5.22 0.73 -1.06
N SER A 117 -4.29 1.52 -1.61
CA SER A 117 -4.35 2.99 -1.43
C SER A 117 -5.48 3.57 -2.26
N THR A 118 -5.65 3.03 -3.47
CA THR A 118 -6.71 3.46 -4.35
C THR A 118 -8.09 3.16 -3.72
N VAL A 119 -8.29 1.94 -3.24
CA VAL A 119 -9.57 1.54 -2.65
C VAL A 119 -9.83 2.34 -1.36
N THR A 120 -8.80 2.49 -0.52
CA THR A 120 -8.90 3.32 0.69
C THR A 120 -9.33 4.75 0.38
N THR A 121 -8.63 5.37 -0.58
CA THR A 121 -8.97 6.70 -0.97
C THR A 121 -10.38 6.80 -1.55
N LEU A 122 -10.77 5.83 -2.40
CA LEU A 122 -12.14 5.81 -2.96
C LEU A 122 -13.22 5.73 -1.90
N VAL A 123 -13.05 4.82 -0.94
CA VAL A 123 -14.04 4.73 0.14
C VAL A 123 -14.12 6.07 0.93
N GLY A 124 -12.97 6.70 1.19
CA GLY A 124 -12.97 8.03 1.79
C GLY A 124 -13.80 9.01 0.99
N GLU A 125 -13.61 9.03 -0.32
CA GLU A 125 -14.36 9.96 -1.19
C GLU A 125 -15.87 9.66 -1.24
N MET A 126 -16.22 8.38 -1.14
CA MET A 126 -17.60 7.94 -1.07
C MET A 126 -18.25 8.49 0.21
N ALA A 127 -17.51 8.41 1.33
CA ALA A 127 -17.99 8.95 2.62
C ALA A 127 -18.12 10.49 2.59
N LYS A 128 -17.13 11.18 2.02
CA LYS A 128 -17.17 12.61 1.86
C LYS A 128 -18.35 13.07 0.99
N ALA A 129 -18.62 12.31 -0.06
CA ALA A 129 -19.79 12.61 -0.92
C ALA A 129 -21.12 12.48 -0.17
N ALA A 130 -21.18 11.61 0.83
CA ALA A 130 -22.36 11.47 1.70
C ALA A 130 -22.46 12.50 2.84
N GLY A 131 -21.47 13.38 2.94
CA GLY A 131 -21.43 14.40 3.97
C GLY A 131 -21.07 13.82 5.32
N VAL A 132 -20.36 12.68 5.31
CA VAL A 132 -19.91 11.99 6.53
C VAL A 132 -18.55 12.56 6.91
N ASN A 133 -18.34 12.79 8.21
CA ASN A 133 -17.04 13.27 8.69
C ASN A 133 -16.15 12.04 8.76
N VAL A 134 -15.26 11.88 7.80
CA VAL A 134 -14.49 10.63 7.66
C VAL A 134 -13.02 10.92 7.91
N GLY A 135 -12.32 9.99 8.56
CA GLY A 135 -10.87 10.11 8.73
C GLY A 135 -10.25 8.99 7.91
N VAL A 136 -9.34 9.33 7.00
CA VAL A 136 -8.78 8.35 6.09
C VAL A 136 -7.27 8.35 6.32
N GLY A 137 -6.67 7.18 6.53
CA GLY A 137 -5.23 7.14 6.70
C GLY A 137 -4.73 5.77 7.05
N GLY A 138 -3.73 5.70 7.91
CA GLY A 138 -3.16 4.41 8.29
C GLY A 138 -1.85 4.26 7.57
N ASN A 139 -1.77 3.26 6.72
CA ASN A 139 -0.56 3.01 5.95
C ASN A 139 -0.39 3.98 4.75
N ILE A 140 -1.43 4.78 4.48
CA ILE A 140 -1.47 5.89 3.50
C ILE A 140 -1.77 7.18 4.30
N GLY A 141 -1.37 8.35 3.82
CA GLY A 141 -1.70 9.62 4.51
C GLY A 141 -1.24 9.67 5.96
N LEU A 142 -2.09 10.23 6.84
CA LEU A 142 -1.72 10.35 8.24
C LEU A 142 -1.68 8.98 8.92
N PRO A 143 -0.67 8.74 9.79
CA PRO A 143 -0.75 7.58 10.67
C PRO A 143 -2.06 7.62 11.46
N ALA A 144 -2.65 6.43 11.65
CA ALA A 144 -4.00 6.29 12.21
C ALA A 144 -4.22 7.13 13.48
N LEU A 145 -3.25 7.12 14.40
CA LEU A 145 -3.40 7.84 15.67
C LEU A 145 -3.64 9.35 15.52
N MET A 146 -3.14 9.92 14.42
CA MET A 146 -3.38 11.34 14.13
C MET A 146 -4.81 11.64 13.64
N LEU A 147 -5.59 10.59 13.35
CA LEU A 147 -6.98 10.76 12.91
C LEU A 147 -7.99 10.74 14.05
N LEU A 148 -7.57 10.22 15.21
CA LEU A 148 -8.48 10.04 16.34
C LEU A 148 -9.15 11.35 16.73
N ASP A 149 -10.48 11.34 16.66
CA ASP A 149 -11.29 12.52 16.89
C ASP A 149 -12.70 12.04 17.21
N ASP A 150 -13.20 12.45 18.38
CA ASP A 150 -14.54 12.06 18.87
C ASP A 150 -15.65 12.48 17.94
N GLU A 151 -15.36 13.40 17.03
CA GLU A 151 -16.35 13.87 16.06
C GLU A 151 -16.27 13.16 14.70
N CYS A 152 -15.25 12.32 14.54
CA CYS A 152 -15.18 11.49 13.34
C CYS A 152 -16.30 10.45 13.34
N GLU A 153 -16.96 10.28 12.19
CA GLU A 153 -18.14 9.39 12.07
C GLU A 153 -17.80 8.06 11.36
N LEU A 154 -16.64 8.01 10.72
CA LEU A 154 -16.16 6.80 10.06
C LEU A 154 -14.66 6.91 9.85
N TYR A 155 -13.96 5.79 10.04
CA TYR A 155 -12.53 5.71 9.70
C TYR A 155 -12.35 4.74 8.55
N VAL A 156 -11.43 5.06 7.65
CA VAL A 156 -11.14 4.21 6.49
C VAL A 156 -9.61 4.09 6.55
N LEU A 157 -9.13 2.89 6.85
CA LEU A 157 -7.70 2.66 7.07
C LEU A 157 -7.15 1.72 6.04
N GLU A 158 -6.02 2.11 5.44
CA GLU A 158 -5.20 1.17 4.71
C GLU A 158 -4.29 0.52 5.74
N LEU A 159 -4.29 -0.81 5.75
CA LEU A 159 -3.48 -1.55 6.72
C LEU A 159 -2.51 -2.45 5.98
N SER A 160 -1.22 -2.32 6.27
CA SER A 160 -0.24 -3.26 5.68
C SER A 160 -0.24 -4.60 6.42
N SER A 161 0.29 -5.63 5.76
CA SER A 161 0.46 -6.92 6.43
C SER A 161 1.27 -6.75 7.75
N PHE A 162 2.27 -5.87 7.74
CA PHE A 162 3.10 -5.66 8.95
C PHE A 162 2.29 -5.08 10.09
N GLN A 163 1.44 -4.09 9.78
CA GLN A 163 0.61 -3.49 10.80
C GLN A 163 -0.37 -4.51 11.37
N LEU A 164 -0.90 -5.34 10.48
CA LEU A 164 -1.85 -6.36 10.91
C LEU A 164 -1.25 -7.40 11.86
N GLU A 165 0.02 -7.77 11.64
CA GLU A 165 0.71 -8.70 12.56
C GLU A 165 0.67 -8.29 14.03
N THR A 166 0.67 -6.98 14.30
CA THR A 166 0.68 -6.48 15.70
C THR A 166 -0.67 -5.97 16.19
N THR A 167 -1.72 -6.26 15.42
CA THR A 167 -3.08 -5.81 15.72
C THR A 167 -3.96 -6.99 16.11
N SER A 168 -4.73 -6.79 17.17
CA SER A 168 -5.60 -7.85 17.70
C SER A 168 -7.05 -7.39 18.01
N SER A 169 -7.28 -6.09 18.13
CA SER A 169 -8.59 -5.55 18.58
C SER A 169 -9.42 -4.87 17.48
N LEU A 170 -9.03 -5.06 16.23
CA LEU A 170 -9.82 -4.54 15.10
C LEU A 170 -11.10 -5.35 14.97
N GLN A 171 -12.22 -4.65 14.93
CA GLN A 171 -13.51 -5.28 14.61
C GLN A 171 -14.13 -4.43 13.52
N ALA A 172 -13.69 -4.66 12.28
CA ALA A 172 -14.02 -3.76 11.18
C ALA A 172 -15.49 -3.92 10.83
N VAL A 173 -16.15 -2.81 10.50
CA VAL A 173 -17.50 -2.86 9.93
C VAL A 173 -17.47 -3.57 8.55
N ALA A 174 -16.39 -3.35 7.79
CA ALA A 174 -16.19 -4.04 6.52
C ALA A 174 -14.67 -4.12 6.33
N ALA A 175 -14.17 -5.28 5.94
CA ALA A 175 -12.72 -5.48 5.76
C ALA A 175 -12.50 -6.27 4.48
N THR A 176 -11.40 -5.93 3.78
CA THR A 176 -11.05 -6.67 2.57
C THR A 176 -9.58 -7.01 2.50
N ILE A 177 -9.28 -8.15 1.88
CA ILE A 177 -7.98 -8.39 1.27
C ILE A 177 -8.22 -8.35 -0.23
N LEU A 178 -7.66 -7.35 -0.91
CA LEU A 178 -7.97 -7.17 -2.35
C LEU A 178 -7.35 -8.24 -3.26
N ASN A 179 -6.19 -8.73 -2.87
CA ASN A 179 -5.42 -9.70 -3.63
C ASN A 179 -4.17 -10.03 -2.80
N VAL A 180 -3.54 -11.15 -3.13
CA VAL A 180 -2.29 -11.57 -2.47
C VAL A 180 -1.39 -12.08 -3.57
N THR A 181 -0.37 -11.29 -3.91
CA THR A 181 0.69 -11.73 -4.81
C THR A 181 2.03 -11.51 -4.13
N GLU A 182 3.05 -12.22 -4.58
CA GLU A 182 4.30 -12.22 -3.82
C GLU A 182 4.83 -10.81 -3.52
N ASP A 183 5.04 -10.52 -2.23
CA ASP A 183 5.65 -9.26 -1.79
C ASP A 183 6.19 -9.48 -0.39
N HIS A 184 7.10 -8.59 0.04
CA HIS A 184 7.61 -8.58 1.42
C HIS A 184 8.25 -9.90 1.85
N MET A 185 8.83 -10.62 0.89
CA MET A 185 9.42 -11.92 1.21
C MET A 185 10.66 -11.77 2.10
N ASP A 186 11.28 -10.58 2.08
CA ASP A 186 12.36 -10.27 3.01
C ASP A 186 11.90 -10.27 4.51
N ARG A 187 10.58 -10.26 4.71
CA ARG A 187 10.00 -10.21 6.03
C ARG A 187 9.18 -11.45 6.35
N TYR A 188 9.06 -12.36 5.38
CA TYR A 188 8.25 -13.58 5.55
C TYR A 188 9.06 -14.83 5.15
N PRO A 189 9.94 -15.30 6.05
CA PRO A 189 10.80 -16.46 5.69
C PRO A 189 10.05 -17.80 5.59
N PHE A 190 8.76 -17.81 5.96
CA PHE A 190 7.90 -18.97 5.67
C PHE A 190 7.01 -18.73 4.43
N GLY A 191 7.43 -17.76 3.61
CA GLY A 191 6.94 -17.64 2.24
C GLY A 191 5.54 -17.09 2.09
N LEU A 192 4.92 -17.44 0.96
CA LEU A 192 3.68 -16.77 0.54
C LEU A 192 2.55 -16.99 1.55
N GLN A 193 2.45 -18.19 2.10
CA GLN A 193 1.34 -18.47 2.99
C GLN A 193 1.49 -17.77 4.35
N GLN A 194 2.72 -17.44 4.75
CA GLN A 194 2.93 -16.70 5.99
C GLN A 194 2.51 -15.22 5.80
N TYR A 195 2.93 -14.67 4.68
CA TYR A 195 2.47 -13.35 4.24
C TYR A 195 0.94 -13.30 4.15
N ARG A 196 0.33 -14.29 3.50
CA ARG A 196 -1.13 -14.38 3.46
C ARG A 196 -1.76 -14.40 4.84
N ALA A 197 -1.23 -15.25 5.73
CA ALA A 197 -1.73 -15.34 7.11
C ALA A 197 -1.81 -14.02 7.83
N ALA A 198 -0.79 -13.19 7.65
CA ALA A 198 -0.74 -11.85 8.23
C ALA A 198 -1.93 -11.04 7.74
N LEU A 200 -4.76 -12.21 6.46
CA LEU A 200 -6.03 -12.88 6.90
C LEU A 200 -6.54 -12.43 8.26
N ARG A 201 -5.62 -11.94 9.10
CA ARG A 201 -5.98 -11.36 10.41
C ARG A 201 -7.01 -10.25 10.29
N ILE A 202 -7.05 -9.57 9.13
CA ILE A 202 -7.94 -8.39 8.98
C ILE A 202 -9.42 -8.79 9.11
N TYR A 203 -9.72 -10.04 8.81
CA TYR A 203 -11.10 -10.52 8.81
C TYR A 203 -11.58 -10.92 10.21
N GLU A 204 -10.67 -11.06 11.18
CA GLU A 204 -11.04 -11.50 12.54
C GLU A 204 -11.98 -10.47 13.14
N ASN A 205 -13.17 -10.92 13.52
CA ASN A 205 -14.19 -10.06 14.12
C ASN A 205 -14.75 -8.99 13.16
N ALA A 206 -14.52 -9.15 11.86
CA ALA A 206 -15.09 -8.19 10.90
C ALA A 206 -16.59 -8.52 10.76
N LYS A 207 -17.41 -7.49 10.63
CA LYS A 207 -18.85 -7.67 10.42
C LYS A 207 -19.17 -8.16 9.03
N VAL A 208 -18.50 -7.58 8.04
CA VAL A 208 -18.58 -8.02 6.65
C VAL A 208 -17.17 -8.21 6.13
N CYS A 209 -16.95 -9.33 5.43
CA CYS A 209 -15.71 -9.59 4.74
CA CYS A 209 -15.70 -9.64 4.72
C CYS A 209 -15.93 -9.45 3.24
N VAL A 210 -15.06 -8.67 2.60
CA VAL A 210 -15.16 -8.46 1.17
C VAL A 210 -13.98 -9.18 0.51
N VAL A 211 -14.26 -10.20 -0.30
CA VAL A 211 -13.22 -11.06 -0.85
C VAL A 211 -13.20 -10.91 -2.36
N ASN A 212 -12.08 -11.29 -2.96
CA ASN A 212 -11.87 -11.26 -4.39
C ASN A 212 -12.21 -12.63 -4.93
N ALA A 213 -13.32 -12.71 -5.69
CA ALA A 213 -13.75 -13.98 -6.25
C ALA A 213 -12.72 -14.56 -7.23
N ASP A 214 -11.82 -13.71 -7.73
CA ASP A 214 -10.78 -14.14 -8.67
C ASP A 214 -9.45 -14.51 -8.01
N ASP A 215 -9.39 -14.43 -6.68
CA ASP A 215 -8.16 -14.69 -5.94
C ASP A 215 -8.48 -15.48 -4.67
N ALA A 216 -8.27 -16.80 -4.77
CA ALA A 216 -8.57 -17.71 -3.66
C ALA A 216 -7.86 -17.37 -2.34
N LEU A 217 -6.68 -16.77 -2.44
CA LEU A 217 -5.88 -16.41 -1.27
C LEU A 217 -6.53 -15.30 -0.42
N THR A 218 -7.47 -14.57 -1.00
CA THR A 218 -8.21 -13.54 -0.22
C THR A 218 -9.34 -14.11 0.64
N MET A 219 -9.66 -15.39 0.47
CA MET A 219 -10.69 -16.04 1.28
C MET A 219 -10.12 -16.51 2.61
N PRO A 220 -10.92 -16.36 3.68
CA PRO A 220 -10.54 -17.01 4.95
C PRO A 220 -10.22 -18.51 4.78
N ILE A 221 -9.38 -19.03 5.66
CA ILE A 221 -8.93 -20.43 5.58
C ILE A 221 -10.10 -21.40 5.68
N ARG A 222 -10.97 -21.15 6.65
CA ARG A 222 -12.23 -21.90 6.80
C ARG A 222 -13.17 -21.78 5.57
N GLY A 223 -12.77 -20.98 4.58
CA GLY A 223 -13.57 -20.73 3.38
C GLY A 223 -14.46 -19.51 3.56
N ALA A 224 -14.99 -18.98 2.45
CA ALA A 224 -15.96 -17.87 2.51
C ALA A 224 -17.16 -18.29 3.34
N ASP A 225 -17.64 -17.36 4.15
CA ASP A 225 -18.73 -17.62 5.07
C ASP A 225 -19.91 -16.66 4.90
N GLU A 226 -20.73 -16.63 5.94
CA GLU A 226 -21.97 -15.88 6.06
C GLU A 226 -21.74 -14.37 5.98
N ARG A 227 -20.55 -13.94 6.39
CA ARG A 227 -20.17 -12.52 6.38
C ARG A 227 -19.57 -12.06 5.05
N CYS A 228 -19.31 -13.01 4.12
CA CYS A 228 -18.44 -12.77 2.95
CA CYS A 228 -18.45 -12.75 2.95
C CYS A 228 -19.12 -12.30 1.65
N VAL A 229 -18.85 -11.07 1.27
CA VAL A 229 -19.37 -10.51 0.03
C VAL A 229 -18.21 -10.57 -0.98
N SER A 230 -18.49 -10.86 -2.24
CA SER A 230 -17.38 -10.97 -3.18
C SER A 230 -17.46 -9.96 -4.33
N PHE A 231 -16.28 -9.60 -4.85
CA PHE A 231 -16.17 -8.85 -6.09
C PHE A 231 -15.31 -9.65 -7.06
N GLY A 232 -15.51 -9.45 -8.35
CA GLY A 232 -14.71 -10.10 -9.39
C GLY A 232 -15.01 -9.54 -10.78
N VAL A 233 -14.33 -10.11 -11.77
CA VAL A 233 -14.47 -9.61 -13.16
C VAL A 233 -15.73 -10.20 -13.78
N ASN A 234 -15.79 -11.54 -13.88
CA ASN A 234 -16.90 -12.25 -14.52
C ASN A 234 -17.83 -12.93 -13.51
N MET A 235 -17.45 -12.90 -12.24
CA MET A 235 -18.27 -13.51 -11.20
C MET A 235 -18.14 -12.73 -9.89
N GLY A 236 -19.06 -12.93 -8.97
CA GLY A 236 -19.01 -12.23 -7.68
C GLY A 236 -20.27 -11.46 -7.46
N ASP A 237 -20.53 -11.10 -6.21
CA ASP A 237 -21.70 -10.29 -5.87
C ASP A 237 -21.62 -8.94 -6.58
N TYR A 238 -20.40 -8.40 -6.65
CA TYR A 238 -20.06 -7.18 -7.39
C TYR A 238 -19.17 -7.63 -8.52
N HIS A 239 -19.55 -7.33 -9.75
CA HIS A 239 -18.80 -7.80 -10.91
C HIS A 239 -18.94 -6.87 -12.11
N LEU A 240 -18.23 -7.22 -13.17
CA LEU A 240 -18.23 -6.42 -14.39
C LEU A 240 -19.07 -7.09 -15.49
N ASN A 241 -19.73 -6.25 -16.29
CA ASN A 241 -20.56 -6.67 -17.43
C ASN A 241 -20.01 -5.91 -18.65
N HIS A 242 -19.44 -6.64 -19.61
CA HIS A 242 -18.80 -6.07 -20.80
C HIS A 242 -19.66 -6.39 -22.03
N GLN A 243 -19.69 -5.47 -22.99
CA GLN A 243 -20.65 -5.53 -24.08
C GLN A 243 -19.95 -5.44 -25.43
N GLN A 244 -20.38 -4.47 -26.25
CA GLN A 244 -19.65 -4.11 -27.46
C GLN A 244 -18.32 -3.44 -27.13
N GLY A 245 -18.35 -2.14 -26.89
CA GLY A 245 -17.18 -1.41 -26.47
C GLY A 245 -17.37 -0.69 -25.15
N GLU A 246 -17.99 -1.39 -24.20
CA GLU A 246 -18.32 -0.78 -22.90
C GLU A 246 -18.36 -1.73 -21.71
N THR A 247 -18.08 -1.18 -20.54
CA THR A 247 -18.02 -1.96 -19.32
C THR A 247 -18.91 -1.32 -18.27
N TRP A 248 -19.67 -2.16 -17.57
CA TRP A 248 -20.50 -1.69 -16.46
C TRP A 248 -20.11 -2.32 -15.13
N LEU A 249 -20.22 -1.55 -14.05
CA LEU A 249 -20.21 -2.13 -12.70
C LEU A 249 -21.61 -2.65 -12.42
N ARG A 250 -21.66 -3.87 -11.88
CA ARG A 250 -22.94 -4.50 -11.53
C ARG A 250 -22.93 -5.06 -10.11
N VAL A 251 -24.07 -4.98 -9.44
CA VAL A 251 -24.23 -5.58 -8.13
C VAL A 251 -25.40 -6.58 -8.23
N LYS A 252 -25.09 -7.87 -8.03
CA LYS A 252 -26.10 -8.95 -8.12
C LYS A 252 -26.99 -8.81 -9.36
N GLY A 253 -26.41 -8.68 -10.54
CA GLY A 253 -27.25 -8.64 -11.72
C GLY A 253 -27.69 -7.25 -12.17
N GLU A 254 -27.71 -6.28 -11.25
CA GLU A 254 -28.17 -4.92 -11.55
C GLU A 254 -27.04 -3.95 -11.99
N LYS A 255 -27.21 -3.27 -13.14
CA LYS A 255 -26.26 -2.21 -13.54
C LYS A 255 -26.28 -1.03 -12.56
N VAL A 256 -25.09 -0.61 -12.12
CA VAL A 256 -24.99 0.57 -11.25
C VAL A 256 -24.12 1.69 -11.84
N LEU A 257 -23.19 1.35 -12.72
CA LEU A 257 -22.35 2.40 -13.30
C LEU A 257 -21.69 1.97 -14.59
N ASN A 258 -21.85 2.83 -15.61
CA ASN A 258 -21.14 2.67 -16.88
C ASN A 258 -19.79 3.37 -16.65
N VAL A 259 -18.71 2.61 -16.81
CA VAL A 259 -17.38 3.08 -16.39
C VAL A 259 -16.85 4.23 -17.26
N LYS A 260 -17.59 4.61 -18.31
CA LYS A 260 -17.22 5.78 -19.12
C LYS A 260 -17.36 7.04 -18.26
N GLU A 261 -18.13 6.93 -17.18
CA GLU A 261 -18.31 8.04 -16.24
C GLU A 261 -17.16 8.15 -15.24
N MET A 262 -16.36 7.10 -15.12
CA MET A 262 -15.18 7.12 -14.25
C MET A 262 -14.04 7.86 -14.96
N LYS A 263 -13.20 8.50 -14.16
CA LYS A 263 -11.98 9.11 -14.69
C LYS A 263 -10.84 8.07 -14.74
N LEU A 264 -10.84 7.12 -13.80
CA LEU A 264 -9.92 5.99 -13.86
C LEU A 264 -10.29 5.03 -15.01
N SER A 265 -9.29 4.33 -15.53
CA SER A 265 -9.56 3.34 -16.56
C SER A 265 -8.80 2.06 -16.30
N GLY A 266 -9.10 1.03 -17.06
CA GLY A 266 -8.45 -0.27 -16.88
C GLY A 266 -9.19 -1.21 -15.93
N GLN A 267 -9.16 -2.48 -16.28
CA GLN A 267 -9.85 -3.52 -15.53
C GLN A 267 -9.55 -3.50 -14.03
N HIS A 268 -8.28 -3.35 -13.67
CA HIS A 268 -7.91 -3.40 -12.25
C HIS A 268 -8.52 -2.22 -11.48
N ASN A 269 -8.60 -1.07 -12.12
CA ASN A 269 -9.30 0.05 -11.49
C ASN A 269 -10.82 -0.14 -11.39
N TYR A 270 -11.39 -0.86 -12.36
CA TYR A 270 -12.81 -1.22 -12.26
C TYR A 270 -13.06 -2.20 -11.12
N THR A 271 -12.18 -3.19 -10.91
CA THR A 271 -12.40 -4.06 -9.75
C THR A 271 -12.11 -3.33 -8.43
N ASN A 272 -11.18 -2.40 -8.44
CA ASN A 272 -10.98 -1.48 -7.30
C ASN A 272 -12.28 -0.73 -6.97
N ALA A 273 -12.94 -0.20 -8.00
CA ALA A 273 -14.22 0.50 -7.83
C ALA A 273 -15.25 -0.43 -7.21
N LEU A 274 -15.29 -1.67 -7.69
CA LEU A 274 -16.22 -2.67 -7.15
C LEU A 274 -15.94 -2.94 -5.67
N ALA A 275 -14.67 -3.17 -5.33
CA ALA A 275 -14.29 -3.43 -3.93
C ALA A 275 -14.67 -2.25 -3.05
N ALA A 276 -14.37 -1.04 -3.52
CA ALA A 276 -14.74 0.17 -2.75
C ALA A 276 -16.25 0.29 -2.56
N LEU A 277 -17.01 -0.01 -3.61
CA LEU A 277 -18.47 0.05 -3.46
C LEU A 277 -18.98 -0.99 -2.47
N ALA A 278 -18.44 -2.20 -2.48
CA ALA A 278 -18.87 -3.24 -1.54
C ALA A 278 -18.58 -2.83 -0.12
N LEU A 279 -17.42 -2.21 0.11
CA LEU A 279 -17.09 -1.72 1.46
C LEU A 279 -17.99 -0.58 1.91
N ALA A 280 -18.17 0.40 1.03
CA ALA A 280 -19.05 1.55 1.26
C ALA A 280 -20.47 1.09 1.58
N ASP A 281 -21.02 0.17 0.76
CA ASP A 281 -22.36 -0.42 1.00
C ASP A 281 -22.43 -1.08 2.39
N ALA A 282 -21.44 -1.93 2.71
CA ALA A 282 -21.41 -2.62 4.00
C ALA A 282 -21.33 -1.63 5.16
N ALA A 283 -20.67 -0.49 4.93
CA ALA A 283 -20.55 0.55 5.95
C ALA A 283 -21.82 1.42 6.10
N GLY A 284 -22.82 1.16 5.26
CA GLY A 284 -24.08 1.90 5.33
C GLY A 284 -24.08 3.24 4.62
N LEU A 285 -23.10 3.49 3.76
CA LEU A 285 -23.09 4.74 2.99
C LEU A 285 -24.10 4.66 1.87
N PRO A 286 -24.77 5.80 1.57
CA PRO A 286 -25.76 5.81 0.48
C PRO A 286 -25.13 5.50 -0.89
N ARG A 287 -25.78 4.58 -1.58
CA ARG A 287 -25.32 4.09 -2.87
C ARG A 287 -25.10 5.24 -3.86
N ALA A 288 -26.06 6.16 -3.95
CA ALA A 288 -26.00 7.23 -4.94
C ALA A 288 -24.76 8.10 -4.79
N SER A 289 -24.47 8.54 -3.57
CA SER A 289 -23.29 9.39 -3.33
C SER A 289 -21.98 8.61 -3.52
N SER A 290 -22.03 7.31 -3.24
CA SER A 290 -20.87 6.43 -3.50
C SER A 290 -20.52 6.33 -4.97
N LEU A 291 -21.56 6.14 -5.80
CA LEU A 291 -21.37 6.14 -7.26
C LEU A 291 -20.87 7.49 -7.78
N LYS A 292 -21.36 8.59 -7.21
CA LYS A 292 -20.89 9.93 -7.61
C LYS A 292 -19.38 10.08 -7.38
N ALA A 293 -18.91 9.58 -6.24
CA ALA A 293 -17.49 9.59 -5.89
C ALA A 293 -16.63 8.88 -6.93
N LEU A 294 -17.13 7.76 -7.45
CA LEU A 294 -16.45 6.99 -8.50
C LEU A 294 -16.22 7.79 -9.79
N THR A 295 -17.12 8.74 -10.06
CA THR A 295 -17.04 9.57 -11.25
C THR A 295 -16.14 10.79 -11.07
N THR A 296 -15.88 11.20 -9.82
CA THR A 296 -15.05 12.40 -9.55
C THR A 296 -13.57 12.09 -9.22
N PHE A 297 -13.32 10.88 -8.72
CA PHE A 297 -11.97 10.53 -8.29
C PHE A 297 -10.98 10.46 -9.46
N THR A 298 -9.89 11.22 -9.38
CA THR A 298 -8.94 11.31 -10.47
C THR A 298 -7.73 10.37 -10.39
N GLY A 299 -7.51 9.74 -9.25
CA GLY A 299 -6.36 8.85 -9.09
C GLY A 299 -5.35 9.44 -8.12
N LEU A 300 -4.40 8.62 -7.68
CA LEU A 300 -3.39 9.08 -6.72
C LEU A 300 -2.12 9.43 -7.50
N PRO A 301 -1.29 10.33 -6.95
CA PRO A 301 0.05 10.59 -7.53
C PRO A 301 0.87 9.30 -7.48
N HIS A 302 1.81 9.15 -8.43
CA HIS A 302 2.70 7.97 -8.49
C HIS A 302 2.02 6.67 -8.91
N ARG A 303 0.73 6.76 -9.25
CA ARG A 303 -0.01 5.57 -9.61
C ARG A 303 -0.42 5.69 -11.09
N PHE A 304 0.41 5.07 -11.95
CA PHE A 304 0.36 5.22 -13.42
C PHE A 304 0.03 6.67 -13.86
N GLU A 305 0.79 7.60 -13.30
CA GLU A 305 0.48 9.01 -13.42
C GLU A 305 1.24 9.61 -14.60
N VAL A 306 0.50 10.23 -15.53
CA VAL A 306 1.16 10.91 -16.66
C VAL A 306 1.75 12.21 -16.14
N VAL A 307 3.07 12.26 -16.07
CA VAL A 307 3.69 13.47 -15.55
C VAL A 307 4.11 14.45 -16.67
N LEU A 308 4.34 13.93 -17.87
CA LEU A 308 4.61 14.75 -19.05
C LEU A 308 4.11 14.04 -20.28
N GLU A 309 3.28 14.75 -21.07
CA GLU A 309 2.97 14.30 -22.43
C GLU A 309 3.37 15.44 -23.34
N HIS A 310 4.50 15.26 -24.02
CA HIS A 310 5.08 16.32 -24.82
C HIS A 310 5.93 15.75 -25.95
N ASN A 311 5.88 16.39 -27.12
CA ASN A 311 6.64 15.97 -28.29
C ASN A 311 6.36 14.50 -28.72
N GLY A 312 5.13 14.05 -28.48
CA GLY A 312 4.70 12.70 -28.84
C GLY A 312 5.17 11.61 -27.89
N VAL A 313 5.74 11.99 -26.74
CA VAL A 313 6.19 11.02 -25.74
C VAL A 313 5.36 11.12 -24.45
N ARG A 314 4.91 9.99 -23.90
CA ARG A 314 4.25 10.03 -22.60
C ARG A 314 5.26 9.56 -21.55
N TRP A 315 5.45 10.36 -20.51
CA TRP A 315 6.34 9.98 -19.40
C TRP A 315 5.46 9.65 -18.21
N ILE A 316 5.49 8.39 -17.78
CA ILE A 316 4.54 7.90 -16.78
C ILE A 316 5.25 7.50 -15.47
N ASN A 317 4.80 8.12 -14.39
CA ASN A 317 5.27 7.86 -13.06
C ASN A 317 4.38 6.80 -12.40
N ASP A 318 4.81 5.54 -12.42
CA ASP A 318 4.15 4.47 -11.66
C ASP A 318 5.07 4.01 -10.52
N SER A 319 5.69 4.96 -9.82
CA SER A 319 6.61 4.66 -8.72
C SER A 319 5.95 3.84 -7.58
N LYS A 320 4.63 3.91 -7.50
CA LYS A 320 3.91 3.09 -6.50
C LYS A 320 3.96 1.60 -6.81
N ALA A 321 4.40 1.22 -8.02
CA ALA A 321 4.63 -0.20 -8.35
C ALA A 321 5.86 -0.72 -7.60
N THR A 322 5.65 -1.22 -6.38
CA THR A 322 6.73 -1.61 -5.49
C THR A 322 6.83 -3.15 -5.40
N ASN A 323 6.08 -3.84 -6.26
CA ASN A 323 6.10 -5.30 -6.36
C ASN A 323 5.79 -5.79 -7.77
N VAL A 324 5.96 -7.09 -8.00
CA VAL A 324 5.87 -7.62 -9.34
C VAL A 324 4.43 -7.54 -9.86
N GLY A 325 3.46 -7.82 -8.98
CA GLY A 325 2.03 -7.79 -9.34
C GLY A 325 1.60 -6.42 -9.82
N SER A 326 2.14 -5.38 -9.18
CA SER A 326 1.80 -4.01 -9.56
C SER A 326 2.37 -3.63 -10.95
N THR A 327 3.62 -3.99 -11.23
CA THR A 327 4.22 -3.77 -12.53
C THR A 327 3.49 -4.57 -13.61
N GLU A 328 3.01 -5.78 -13.24
CA GLU A 328 2.19 -6.58 -14.16
C GLU A 328 0.93 -5.87 -14.56
N ALA A 329 0.24 -5.28 -13.59
CA ALA A 329 -0.97 -4.47 -13.81
C ALA A 329 -0.70 -3.29 -14.76
N ALA A 330 0.49 -2.71 -14.70
CA ALA A 330 0.87 -1.65 -15.66
C ALA A 330 1.13 -2.18 -17.08
N LEU A 331 1.76 -3.35 -17.17
CA LEU A 331 2.19 -3.90 -18.46
C LEU A 331 1.11 -4.70 -19.16
N ASN A 332 0.21 -5.31 -18.40
CA ASN A 332 -0.77 -6.22 -19.01
C ASN A 332 -1.77 -5.42 -19.83
N GLY A 333 -1.75 -5.59 -21.15
CA GLY A 333 -2.67 -4.86 -22.03
C GLY A 333 -2.24 -3.42 -22.33
N LEU A 334 -0.96 -3.13 -22.07
CA LEU A 334 -0.40 -1.81 -22.31
C LEU A 334 -0.23 -1.57 -23.81
N HIS A 335 -0.81 -0.47 -24.30
CA HIS A 335 -0.60 -0.05 -25.68
C HIS A 335 0.49 1.03 -25.80
N VAL A 336 1.49 0.75 -26.62
CA VAL A 336 2.56 1.70 -26.92
C VAL A 336 2.73 1.75 -28.44
N ASP A 337 2.70 2.96 -28.99
CA ASP A 337 2.87 3.12 -30.44
C ASP A 337 4.27 2.80 -30.92
N GLY A 338 5.27 3.37 -30.26
CA GLY A 338 6.67 3.09 -30.58
C GLY A 338 7.32 2.12 -29.60
N THR A 339 8.34 2.60 -28.91
CA THR A 339 9.17 1.81 -28.01
C THR A 339 8.78 2.13 -26.56
N LEU A 340 8.68 1.08 -25.74
CA LEU A 340 8.54 1.23 -24.28
C LEU A 340 9.92 1.22 -23.64
N HIS A 341 10.24 2.32 -22.98
CA HIS A 341 11.49 2.48 -22.23
C HIS A 341 11.09 2.27 -20.77
N LEU A 342 11.40 1.09 -20.25
CA LEU A 342 10.88 0.65 -18.94
C LEU A 342 11.97 0.71 -17.87
N LEU A 343 11.70 1.50 -16.82
CA LEU A 343 12.62 1.64 -15.69
C LEU A 343 12.27 0.68 -14.55
N LEU A 344 13.22 -0.18 -14.20
CA LEU A 344 13.02 -1.22 -13.18
C LEU A 344 14.16 -1.13 -12.19
N GLY A 345 13.85 -1.32 -10.92
CA GLY A 345 14.95 -1.42 -9.97
C GLY A 345 14.65 -0.91 -8.58
N GLY A 346 15.63 -1.15 -7.70
CA GLY A 346 15.52 -0.81 -6.28
C GLY A 346 15.72 -2.07 -5.44
N ASP A 347 15.08 -2.08 -4.29
CA ASP A 347 15.10 -3.23 -3.38
C ASP A 347 13.94 -4.16 -3.73
N GLY A 348 14.28 -5.25 -4.41
CA GLY A 348 13.28 -6.19 -4.86
C GLY A 348 12.71 -7.11 -3.79
N LYS A 349 13.17 -6.98 -2.54
CA LYS A 349 12.58 -7.72 -1.39
C LYS A 349 12.57 -9.23 -1.61
N SER A 350 13.56 -9.73 -2.36
CA SER A 350 13.68 -11.15 -2.65
C SER A 350 12.59 -11.73 -3.56
N ALA A 351 11.86 -10.86 -4.27
CA ALA A 351 10.82 -11.32 -5.19
C ALA A 351 11.38 -12.10 -6.37
N ASP A 352 10.56 -13.02 -6.89
CA ASP A 352 10.82 -13.64 -8.19
C ASP A 352 10.29 -12.71 -9.28
N PHE A 353 11.19 -12.09 -10.04
CA PHE A 353 10.81 -11.15 -11.09
C PHE A 353 10.34 -11.84 -12.36
N SER A 354 10.51 -13.17 -12.44
CA SER A 354 10.20 -13.93 -13.68
C SER A 354 8.81 -13.71 -14.29
N PRO A 355 7.76 -13.54 -13.47
CA PRO A 355 6.47 -13.30 -14.11
C PRO A 355 6.40 -12.08 -15.04
N LEU A 356 7.38 -11.17 -14.96
CA LEU A 356 7.38 -10.00 -15.84
C LEU A 356 7.91 -10.32 -17.23
N ALA A 357 8.69 -11.39 -17.33
CA ALA A 357 9.35 -11.73 -18.60
C ALA A 357 8.40 -11.91 -19.78
N ARG A 358 7.19 -12.42 -19.52
CA ARG A 358 6.21 -12.65 -20.59
C ARG A 358 5.64 -11.36 -21.19
N TYR A 359 5.88 -10.23 -20.53
CA TYR A 359 5.43 -8.93 -21.03
C TYR A 359 6.50 -8.19 -21.81
N LEU A 360 7.71 -8.75 -21.85
CA LEU A 360 8.86 -8.04 -22.38
C LEU A 360 9.44 -8.62 -23.67
N ASN A 361 8.64 -9.40 -24.39
CA ASN A 361 9.05 -9.92 -25.71
C ASN A 361 8.87 -8.87 -26.82
N GLY A 362 9.44 -9.14 -27.99
CA GLY A 362 9.23 -8.24 -29.12
C GLY A 362 10.30 -7.17 -29.25
N ASP A 363 10.19 -6.39 -30.32
CA ASP A 363 11.28 -5.52 -30.70
C ASP A 363 11.15 -4.10 -30.18
N ASN A 364 10.04 -3.81 -29.47
CA ASN A 364 9.75 -2.43 -29.06
C ASN A 364 9.81 -2.18 -27.53
N VAL A 365 10.62 -3.00 -26.86
CA VAL A 365 10.85 -2.86 -25.40
C VAL A 365 12.34 -2.65 -25.10
N ARG A 366 12.64 -1.67 -24.25
CA ARG A 366 13.96 -1.42 -23.72
C ARG A 366 13.91 -1.33 -22.18
N LEU A 367 14.83 -2.01 -21.52
CA LEU A 367 14.86 -2.04 -20.05
C LEU A 367 16.03 -1.24 -19.56
N TYR A 368 15.79 -0.43 -18.54
CA TYR A 368 16.83 0.37 -17.89
C TYR A 368 16.72 0.08 -16.41
N CYS A 369 17.72 -0.67 -15.91
CA CYS A 369 17.63 -1.35 -14.61
C CYS A 369 18.63 -0.78 -13.63
N PHE A 370 18.19 -0.50 -12.42
CA PHE A 370 19.04 0.22 -11.47
C PHE A 370 18.83 -0.23 -10.01
N GLY A 371 19.58 0.38 -9.10
CA GLY A 371 19.41 0.19 -7.67
C GLY A 371 19.96 -1.15 -7.22
N ARG A 372 19.61 -1.53 -6.01
CA ARG A 372 20.22 -2.73 -5.39
C ARG A 372 20.13 -3.97 -6.28
N ASP A 373 18.94 -4.22 -6.82
CA ASP A 373 18.67 -5.43 -7.59
C ASP A 373 18.67 -5.23 -9.11
N GLY A 374 19.30 -4.16 -9.56
CA GLY A 374 19.38 -3.85 -10.99
C GLY A 374 19.81 -5.02 -11.84
N ALA A 375 20.78 -5.81 -11.37
CA ALA A 375 21.33 -6.88 -12.19
C ALA A 375 20.33 -8.01 -12.42
N GLN A 376 19.58 -8.37 -11.37
CA GLN A 376 18.52 -9.38 -11.46
C GLN A 376 17.38 -8.97 -12.40
N LEU A 377 17.10 -7.67 -12.48
CA LEU A 377 16.06 -7.19 -13.40
C LEU A 377 16.55 -7.19 -14.84
N ALA A 378 17.77 -6.72 -15.06
CA ALA A 378 18.42 -6.77 -16.37
C ALA A 378 18.43 -8.20 -16.96
N ALA A 379 18.60 -9.18 -16.09
CA ALA A 379 18.62 -10.61 -16.46
C ALA A 379 17.29 -11.16 -17.00
N LEU A 380 16.20 -10.39 -16.87
CA LEU A 380 14.92 -10.77 -17.47
C LEU A 380 15.02 -10.88 -18.98
N ARG A 381 15.79 -9.97 -19.57
CA ARG A 381 16.02 -9.98 -21.02
C ARG A 381 17.28 -9.17 -21.30
N PRO A 382 18.46 -9.78 -21.07
CA PRO A 382 19.72 -9.05 -21.09
C PRO A 382 19.96 -8.30 -22.42
N GLU A 383 19.48 -8.88 -23.51
CA GLU A 383 19.70 -8.37 -24.88
C GLU A 383 19.06 -6.99 -25.15
N VAL A 384 17.99 -6.68 -24.41
CA VAL A 384 17.36 -5.36 -24.48
C VAL A 384 17.54 -4.50 -23.19
N ALA A 385 18.49 -4.89 -22.33
CA ALA A 385 18.65 -4.24 -21.02
C ALA A 385 19.94 -3.45 -20.85
N GLU A 386 19.84 -2.29 -20.19
CA GLU A 386 21.02 -1.61 -19.64
C GLU A 386 20.91 -1.55 -18.12
N GLN A 387 22.04 -1.62 -17.41
CA GLN A 387 22.05 -1.49 -15.95
C GLN A 387 22.86 -0.28 -15.56
N THR A 388 22.32 0.54 -14.66
CA THR A 388 23.02 1.67 -14.05
C THR A 388 22.91 1.55 -12.54
N GLU A 389 23.66 2.38 -11.82
CA GLU A 389 23.50 2.46 -10.37
C GLU A 389 22.21 3.17 -9.94
N THR A 390 21.93 4.32 -10.55
CA THR A 390 20.81 5.16 -10.13
C THR A 390 19.74 5.33 -11.20
N MET A 391 18.56 5.73 -10.74
CA MET A 391 17.45 6.04 -11.65
C MET A 391 17.79 7.25 -12.53
N GLU A 392 18.43 8.27 -11.94
CA GLU A 392 18.89 9.43 -12.75
C GLU A 392 19.79 8.99 -13.90
N GLN A 393 20.78 8.15 -13.60
CA GLN A 393 21.65 7.62 -14.67
C GLN A 393 20.87 6.91 -15.77
N ALA A 394 19.88 6.13 -15.37
CA ALA A 394 19.04 5.38 -16.31
C ALA A 394 18.24 6.34 -17.19
N MET A 395 17.71 7.40 -16.58
CA MET A 395 16.93 8.39 -17.34
C MET A 395 17.80 9.18 -18.34
N ARG A 396 18.99 9.56 -17.91
CA ARG A 396 19.90 10.28 -18.81
C ARG A 396 20.44 9.36 -19.90
N LEU A 397 20.47 8.06 -19.62
CA LEU A 397 20.84 7.07 -20.61
C LEU A 397 19.75 6.87 -21.66
N LEU A 398 18.50 6.80 -21.22
CA LEU A 398 17.41 6.53 -22.15
C LEU A 398 16.94 7.74 -22.94
N ALA A 399 17.04 8.93 -22.35
CA ALA A 399 16.40 10.14 -22.92
C ALA A 399 16.78 10.42 -24.39
N PRO A 400 18.07 10.34 -24.72
CA PRO A 400 18.46 10.53 -26.14
C PRO A 400 17.85 9.50 -27.12
N ARG A 401 17.44 8.34 -26.62
CA ARG A 401 16.91 7.29 -27.48
C ARG A 401 15.40 7.41 -27.68
N VAL A 402 14.78 8.32 -26.95
CA VAL A 402 13.33 8.44 -26.98
C VAL A 402 12.90 9.12 -28.29
N GLN A 403 11.91 8.52 -28.95
CA GLN A 403 11.38 9.02 -30.23
C GLN A 403 9.90 9.33 -30.08
N PRO A 404 9.34 10.24 -30.92
CA PRO A 404 7.87 10.39 -30.90
C PRO A 404 7.15 9.06 -31.12
N GLY A 405 6.10 8.85 -30.31
CA GLY A 405 5.37 7.60 -30.23
C GLY A 405 5.77 6.71 -29.06
N ASP A 406 6.91 7.03 -28.44
CA ASP A 406 7.45 6.21 -27.34
C ASP A 406 6.74 6.47 -25.99
N MET A 407 6.94 5.53 -25.06
CA MET A 407 6.51 5.72 -23.68
C MET A 407 7.71 5.52 -22.77
N VAL A 408 7.86 6.38 -21.77
CA VAL A 408 8.87 6.16 -20.74
C VAL A 408 8.07 5.84 -19.47
N LEU A 409 8.29 4.66 -18.92
CA LEU A 409 7.46 4.15 -17.81
C LEU A 409 8.34 3.80 -16.60
N LEU A 410 8.19 4.56 -15.53
CA LEU A 410 8.79 4.16 -14.26
C LEU A 410 7.77 3.22 -13.58
N SER A 411 8.03 1.92 -13.64
CA SER A 411 7.14 0.95 -12.93
C SER A 411 8.06 -0.14 -12.36
N PRO A 412 8.75 0.19 -11.27
CA PRO A 412 10.01 -0.50 -10.96
C PRO A 412 9.97 -1.87 -10.31
N ALA A 413 8.78 -2.31 -9.84
CA ALA A 413 8.58 -3.66 -9.24
C ALA A 413 9.32 -3.89 -7.92
N CYS A 414 9.85 -2.80 -7.36
CA CYS A 414 10.72 -2.86 -6.19
C CYS A 414 10.42 -1.74 -5.22
N ALA A 415 10.77 -1.95 -3.96
CA ALA A 415 10.80 -0.83 -3.02
C ALA A 415 11.91 0.16 -3.40
N SER A 416 11.74 1.40 -2.96
CA SER A 416 12.67 2.50 -3.30
C SER A 416 13.71 2.70 -2.21
N LEU A 417 13.53 1.95 -1.12
CA LEU A 417 14.15 2.28 0.17
C LEU A 417 15.68 2.13 0.22
N ASP A 418 16.26 1.45 -0.77
CA ASP A 418 17.71 1.35 -0.88
C ASP A 418 18.38 2.67 -1.30
N GLN A 419 17.64 3.56 -1.97
CA GLN A 419 18.21 4.82 -2.51
C GLN A 419 17.35 6.06 -2.19
N PHE A 420 16.11 5.84 -1.78
CA PHE A 420 15.14 6.93 -1.55
C PHE A 420 14.49 6.81 -0.17
N LYS A 421 13.92 7.91 0.30
CA LYS A 421 13.08 7.94 1.49
C LYS A 421 11.81 7.07 1.38
N ASN A 422 11.18 7.10 0.20
CA ASN A 422 9.92 6.42 -0.06
C ASN A 422 9.62 6.49 -1.56
N PHE A 423 8.61 5.76 -2.01
CA PHE A 423 8.33 5.70 -3.45
C PHE A 423 7.83 7.06 -3.95
N GLU A 424 7.31 7.90 -3.03
CA GLU A 424 6.89 9.26 -3.40
C GLU A 424 8.07 10.12 -3.86
N GLN A 425 9.17 10.04 -3.14
CA GLN A 425 10.38 10.77 -3.49
C GLN A 425 10.94 10.25 -4.82
N ARG A 426 10.89 8.94 -5.00
CA ARG A 426 11.33 8.35 -6.28
C ARG A 426 10.50 8.89 -7.43
N GLY A 427 9.17 8.88 -7.25
CA GLY A 427 8.24 9.42 -8.24
C GLY A 427 8.45 10.90 -8.56
N ASN A 428 8.61 11.68 -7.50
CA ASN A 428 8.89 13.11 -7.63
C ASN A 428 10.19 13.40 -8.41
N GLU A 429 11.26 12.66 -8.15
CA GLU A 429 12.52 12.80 -8.86
C GLU A 429 12.40 12.38 -10.33
N PHE A 430 11.68 11.28 -10.57
CA PHE A 430 11.35 10.89 -11.94
C PHE A 430 10.63 12.03 -12.68
N ALA A 431 9.62 12.60 -12.03
CA ALA A 431 8.85 13.71 -12.63
C ALA A 431 9.73 14.94 -12.92
N ARG A 432 10.61 15.29 -11.99
CA ARG A 432 11.55 16.39 -12.21
C ARG A 432 12.44 16.12 -13.44
N LEU A 433 13.03 14.93 -13.48
CA LEU A 433 13.93 14.54 -14.57
C LEU A 433 13.24 14.42 -15.94
N ALA A 434 12.01 13.87 -15.94
CA ALA A 434 11.17 13.81 -17.12
C ALA A 434 10.96 15.19 -17.73
N LYS A 435 10.67 16.18 -16.87
CA LYS A 435 10.40 17.55 -17.33
C LYS A 435 11.65 18.19 -17.91
N GLU A 436 12.78 17.93 -17.28
CA GLU A 436 14.07 18.40 -17.81
C GLU A 436 14.39 17.75 -19.16
N LEU A 437 14.25 16.43 -19.23
CA LEU A 437 14.74 15.65 -20.37
C LEU A 437 13.73 15.55 -21.51
N GLY A 438 12.46 15.81 -21.20
CA GLY A 438 11.39 15.57 -22.15
C GLY A 438 11.02 16.81 -22.93
N SER A 439 11.82 17.87 -22.78
CA SER A 439 11.61 19.09 -23.55
C SER A 439 12.94 19.65 -24.06
N HIS A 440 12.91 20.24 -25.25
CA HIS A 440 14.06 20.98 -25.76
C HIS A 440 14.30 22.25 -24.95
N HIS A 441 13.38 22.97 -24.53
#